data_2D4U
#
_entry.id   2D4U
#
_cell.length_a   42.480
_cell.length_b   55.060
_cell.length_c   73.330
_cell.angle_alpha   90.00
_cell.angle_beta   93.73
_cell.angle_gamma   90.00
#
_symmetry.space_group_name_H-M   'P 1 21 1'
#
loop_
_entity.id
_entity.type
_entity.pdbx_description
1 polymer 'Methyl-accepting chemotaxis protein I'
2 water water
#
_entity_poly.entity_id   1
_entity_poly.type   'polypeptide(L)'
_entity_poly.pdbx_seq_one_letter_code
;GPLGSGGLFFNALKNCKENFTVLQTIRQQQSTLNGSWVALLQTRNTLNRAGIRYMMDQNNIGSGSTVAELMESASISLKQ
AEKNWADYEALPRDPRQSTAAAAEIKRNYDIYHNALAELIQLLGAGKINEFFDQPTQGYQDGFEKQYVAYMEQNDRLHDI
AVSDNNASYSHHHHHH
;
_entity_poly.pdbx_strand_id   A,B
#
# COMPACT_ATOMS: atom_id res chain seq x y z
N GLY A 1 -36.82 -27.97 9.95
CA GLY A 1 -37.98 -27.35 10.66
C GLY A 1 -39.24 -27.23 9.81
N PRO A 2 -40.37 -26.99 10.47
CA PRO A 2 -41.66 -26.89 9.79
C PRO A 2 -41.69 -25.75 8.77
N LEU A 3 -40.53 -25.40 8.23
CA LEU A 3 -40.42 -24.37 7.22
C LEU A 3 -40.14 -25.09 5.91
N GLY A 4 -40.77 -24.67 4.80
CA GLY A 4 -40.60 -25.30 3.50
C GLY A 4 -39.36 -24.94 2.69
N SER A 5 -39.13 -25.63 1.57
CA SER A 5 -37.99 -25.37 0.69
C SER A 5 -38.03 -23.95 0.11
N GLY A 6 -39.23 -23.52 -0.28
CA GLY A 6 -39.39 -22.19 -0.83
C GLY A 6 -38.91 -21.17 0.19
N GLY A 7 -39.36 -21.34 1.43
CA GLY A 7 -38.94 -20.45 2.49
C GLY A 7 -37.45 -20.53 2.80
N LEU A 8 -36.92 -21.74 2.90
CA LEU A 8 -35.50 -21.90 3.19
C LEU A 8 -34.70 -21.16 2.14
N PHE A 9 -35.15 -21.28 0.89
CA PHE A 9 -34.48 -20.64 -0.25
C PHE A 9 -34.56 -19.13 -0.16
N PHE A 10 -35.74 -18.61 0.13
CA PHE A 10 -35.88 -17.17 0.23
C PHE A 10 -34.98 -16.60 1.35
N ASN A 11 -34.98 -17.26 2.49
CA ASN A 11 -34.18 -16.84 3.61
C ASN A 11 -32.68 -16.94 3.33
N ALA A 12 -32.27 -18.01 2.67
CA ALA A 12 -30.85 -18.17 2.30
C ALA A 12 -30.44 -17.10 1.31
N LEU A 13 -31.31 -16.79 0.36
CA LEU A 13 -30.99 -15.79 -0.66
C LEU A 13 -30.94 -14.39 -0.04
N LYS A 14 -31.81 -14.14 0.93
CA LYS A 14 -31.88 -12.86 1.65
C LYS A 14 -30.56 -12.61 2.36
N ASN A 15 -30.13 -13.61 3.14
CA ASN A 15 -28.90 -13.51 3.89
C ASN A 15 -27.69 -13.40 2.99
N CYS A 16 -27.65 -14.20 1.93
CA CYS A 16 -26.51 -14.17 1.01
C CYS A 16 -26.34 -12.78 0.44
N LYS A 17 -27.45 -12.20 0.01
CA LYS A 17 -27.43 -10.90 -0.62
C LYS A 17 -27.00 -9.83 0.39
N GLU A 18 -27.29 -10.05 1.66
CA GLU A 18 -26.87 -9.12 2.70
C GLU A 18 -25.37 -9.31 2.93
N ASN A 19 -24.95 -10.56 2.96
CA ASN A 19 -23.55 -10.85 3.22
C ASN A 19 -22.66 -10.32 2.09
N PHE A 20 -23.14 -10.46 0.87
CA PHE A 20 -22.40 -9.99 -0.27
C PHE A 20 -22.22 -8.48 -0.21
N THR A 21 -23.30 -7.78 0.10
CA THR A 21 -23.28 -6.32 0.22
C THR A 21 -22.26 -5.85 1.26
N VAL A 22 -22.09 -6.63 2.34
CA VAL A 22 -21.06 -6.34 3.33
C VAL A 22 -19.65 -6.48 2.72
N LEU A 23 -19.42 -7.57 1.99
CA LEU A 23 -18.09 -7.80 1.43
C LEU A 23 -17.77 -6.73 0.37
N GLN A 24 -18.77 -6.33 -0.37
CA GLN A 24 -18.58 -5.34 -1.41
C GLN A 24 -18.21 -4.02 -0.74
N THR A 25 -18.95 -3.67 0.30
CA THR A 25 -18.71 -2.42 1.01
C THR A 25 -17.29 -2.34 1.49
N ILE A 26 -16.87 -3.43 2.11
CA ILE A 26 -15.55 -3.58 2.69
C ILE A 26 -14.45 -3.68 1.64
N ARG A 27 -14.73 -4.33 0.53
CA ARG A 27 -13.68 -4.49 -0.45
C ARG A 27 -13.31 -3.15 -1.05
N GLN A 28 -14.33 -2.35 -1.33
CA GLN A 28 -14.14 -1.06 -1.95
C GLN A 28 -13.42 -0.09 -1.04
N GLN A 29 -13.80 -0.07 0.24
CA GLN A 29 -13.12 0.77 1.19
C GLN A 29 -11.66 0.34 1.30
N GLN A 30 -11.42 -0.97 1.16
CA GLN A 30 -10.11 -1.49 1.34
C GLN A 30 -9.23 -1.09 0.14
N SER A 31 -9.73 -1.26 -1.07
CA SER A 31 -8.92 -0.92 -2.21
C SER A 31 -8.67 0.60 -2.30
N THR A 32 -9.65 1.42 -1.99
CA THR A 32 -9.43 2.87 -2.03
C THR A 32 -8.47 3.35 -0.95
N LEU A 33 -8.68 2.90 0.29
CA LEU A 33 -7.76 3.28 1.35
C LEU A 33 -6.35 2.82 1.02
N ASN A 34 -6.20 1.58 0.53
CA ASN A 34 -4.91 1.02 0.16
C ASN A 34 -4.23 1.89 -0.92
N GLY A 35 -5.02 2.30 -1.90
CA GLY A 35 -4.51 3.09 -3.01
C GLY A 35 -4.04 4.45 -2.50
N SER A 36 -4.79 5.02 -1.56
CA SER A 36 -4.34 6.29 -0.94
C SER A 36 -3.05 6.13 -0.11
N TRP A 37 -2.98 5.07 0.70
CA TRP A 37 -1.81 4.77 1.53
C TRP A 37 -0.55 4.57 0.65
N VAL A 38 -0.67 3.79 -0.39
CA VAL A 38 0.45 3.49 -1.29
C VAL A 38 0.93 4.80 -1.96
N ALA A 39 -0.01 5.57 -2.46
CA ALA A 39 0.35 6.85 -3.12
C ALA A 39 1.03 7.83 -2.13
N LEU A 40 0.59 7.87 -0.85
CA LEU A 40 1.32 8.67 0.15
C LEU A 40 2.73 8.14 0.39
N LEU A 41 2.87 6.81 0.52
CA LEU A 41 4.22 6.28 0.66
C LEU A 41 5.11 6.61 -0.57
N GLN A 42 4.52 6.57 -1.75
CA GLN A 42 5.28 6.82 -2.97
C GLN A 42 5.78 8.25 -2.99
N THR A 43 4.87 9.14 -2.60
CA THR A 43 5.11 10.56 -2.51
C THR A 43 6.24 10.78 -1.54
N ARG A 44 6.14 10.17 -0.36
CA ARG A 44 7.21 10.32 0.61
C ARG A 44 8.58 9.85 0.14
N ASN A 45 8.62 8.69 -0.51
CA ASN A 45 9.86 8.16 -1.03
C ASN A 45 10.42 9.07 -2.16
N THR A 46 9.54 9.49 -3.05
CA THR A 46 9.96 10.38 -4.13
C THR A 46 10.59 11.68 -3.62
N LEU A 47 10.02 12.25 -2.56
CA LEU A 47 10.58 13.44 -1.92
C LEU A 47 11.94 13.14 -1.31
N ASN A 48 12.09 11.95 -0.73
CA ASN A 48 13.40 11.62 -0.20
C ASN A 48 14.44 11.47 -1.31
N ARG A 49 14.04 10.91 -2.45
CA ARG A 49 14.91 10.79 -3.61
C ARG A 49 15.31 12.16 -4.11
N ALA A 50 14.37 13.10 -4.06
CA ALA A 50 14.64 14.48 -4.43
C ALA A 50 15.71 15.13 -3.51
N GLY A 51 15.64 14.84 -2.23
CA GLY A 51 16.59 15.38 -1.28
C GLY A 51 17.98 14.80 -1.54
N ILE A 52 18.01 13.53 -1.91
CA ILE A 52 19.29 12.88 -2.20
C ILE A 52 19.89 13.51 -3.46
N ARG A 53 19.08 13.59 -4.51
CA ARG A 53 19.55 14.17 -5.77
C ARG A 53 20.08 15.58 -5.51
N TYR A 54 19.44 16.30 -4.60
CA TYR A 54 19.87 17.66 -4.27
C TYR A 54 21.26 17.63 -3.65
N MET A 55 21.45 16.77 -2.66
CA MET A 55 22.72 16.65 -1.94
C MET A 55 23.81 16.12 -2.86
N MET A 56 23.41 15.38 -3.89
CA MET A 56 24.35 14.85 -4.86
C MET A 56 24.75 15.95 -5.81
N ASP A 57 23.80 16.81 -6.15
CA ASP A 57 24.03 17.88 -7.09
C ASP A 57 24.97 18.91 -6.51
N GLN A 58 25.10 18.93 -5.18
CA GLN A 58 25.96 19.92 -4.54
C GLN A 58 27.39 19.71 -5.00
N ASN A 59 27.79 18.45 -5.10
CA ASN A 59 29.13 18.10 -5.52
C ASN A 59 29.13 17.73 -6.99
N ASN A 60 28.33 18.48 -7.75
CA ASN A 60 28.16 18.32 -9.20
C ASN A 60 28.04 16.90 -9.75
N ILE A 61 27.82 15.94 -8.86
CA ILE A 61 27.56 14.58 -9.33
C ILE A 61 26.04 14.45 -9.26
N GLY A 62 25.50 13.25 -9.05
CA GLY A 62 24.06 13.18 -8.99
C GLY A 62 23.58 12.98 -10.42
N SER A 63 22.75 11.96 -10.57
CA SER A 63 22.27 11.56 -11.88
C SER A 63 20.82 11.13 -11.73
N GLY A 64 20.28 10.51 -12.78
CA GLY A 64 18.90 10.05 -12.77
C GLY A 64 17.93 11.20 -13.01
N SER A 65 16.83 11.18 -12.28
CA SER A 65 15.83 12.20 -12.36
C SER A 65 16.32 13.46 -11.66
N THR A 66 15.92 14.62 -12.17
CA THR A 66 16.28 15.87 -11.50
C THR A 66 15.37 16.17 -10.31
N VAL A 67 15.80 17.10 -9.47
CA VAL A 67 15.03 17.55 -8.35
C VAL A 67 13.65 18.00 -8.86
N ALA A 68 13.65 18.83 -9.90
CA ALA A 68 12.41 19.28 -10.51
C ALA A 68 11.54 18.13 -11.03
N GLU A 69 12.13 17.14 -11.69
CA GLU A 69 11.33 16.04 -12.18
C GLU A 69 10.76 15.23 -10.98
N LEU A 70 11.57 15.04 -9.97
CA LEU A 70 11.11 14.31 -8.80
C LEU A 70 10.02 15.08 -8.07
N MET A 71 10.08 16.41 -8.10
CA MET A 71 9.09 17.17 -7.36
C MET A 71 7.78 17.03 -8.05
N GLU A 72 7.83 17.10 -9.37
CA GLU A 72 6.63 16.98 -10.17
C GLU A 72 6.01 15.59 -10.05
N SER A 73 6.87 14.58 -9.94
CA SER A 73 6.38 13.20 -9.81
C SER A 73 5.69 13.00 -8.46
N ALA A 74 6.26 13.62 -7.42
CA ALA A 74 5.68 13.60 -6.08
C ALA A 74 4.34 14.30 -6.06
N SER A 75 4.23 15.40 -6.81
CA SER A 75 2.96 16.09 -6.92
C SER A 75 1.91 15.18 -7.56
N ILE A 76 2.30 14.45 -8.57
CA ILE A 76 1.38 13.58 -9.28
C ILE A 76 0.96 12.41 -8.36
N SER A 77 1.90 11.90 -7.59
CA SER A 77 1.52 10.81 -6.68
C SER A 77 0.67 11.36 -5.53
N LEU A 78 0.92 12.60 -5.07
CA LEU A 78 0.14 13.13 -3.96
C LEU A 78 -1.32 13.32 -4.44
N LYS A 79 -1.47 13.72 -5.70
CA LYS A 79 -2.77 13.84 -6.34
C LYS A 79 -3.47 12.46 -6.42
N GLN A 80 -2.71 11.41 -6.73
CA GLN A 80 -3.24 10.05 -6.67
C GLN A 80 -3.73 9.67 -5.26
N ALA A 81 -2.98 10.08 -4.23
CA ALA A 81 -3.40 9.86 -2.83
C ALA A 81 -4.71 10.55 -2.60
N GLU A 82 -4.79 11.81 -3.02
CA GLU A 82 -5.99 12.61 -2.80
C GLU A 82 -7.20 12.05 -3.52
N LYS A 83 -6.97 11.56 -4.73
CA LYS A 83 -8.03 11.02 -5.54
C LYS A 83 -8.57 9.78 -4.83
N ASN A 84 -7.65 8.90 -4.41
CA ASN A 84 -8.08 7.67 -3.72
C ASN A 84 -8.74 7.95 -2.38
N TRP A 85 -8.28 8.98 -1.69
CA TRP A 85 -8.84 9.37 -0.39
C TRP A 85 -10.28 9.91 -0.54
N ALA A 86 -10.52 10.70 -1.60
CA ALA A 86 -11.88 11.16 -1.89
C ALA A 86 -12.81 9.99 -2.20
N ASP A 87 -12.32 9.06 -3.01
CA ASP A 87 -13.15 7.92 -3.34
C ASP A 87 -13.46 7.17 -2.03
N TYR A 88 -12.42 6.95 -1.22
CA TYR A 88 -12.62 6.25 0.07
C TYR A 88 -13.71 6.87 0.92
N GLU A 89 -13.61 8.18 1.15
CA GLU A 89 -14.57 8.90 1.98
C GLU A 89 -16.00 8.91 1.43
N ALA A 90 -16.16 8.83 0.12
CA ALA A 90 -17.53 8.95 -0.40
C ALA A 90 -18.27 7.62 -0.39
N LEU A 91 -17.55 6.53 -0.18
CA LEU A 91 -18.16 5.23 -0.18
C LEU A 91 -19.13 5.03 0.97
N PRO A 92 -20.26 4.44 0.67
CA PRO A 92 -21.25 4.11 1.70
C PRO A 92 -20.58 3.18 2.72
N ARG A 93 -20.82 3.43 4.01
CA ARG A 93 -20.20 2.67 5.08
C ARG A 93 -21.16 1.63 5.62
N ASP A 94 -20.63 0.61 6.30
CA ASP A 94 -21.47 -0.35 7.00
C ASP A 94 -21.80 0.29 8.35
N PRO A 95 -23.07 0.25 8.75
CA PRO A 95 -23.56 0.81 10.02
C PRO A 95 -22.77 0.46 11.27
N ARG A 96 -22.09 -0.68 11.24
CA ARG A 96 -21.34 -1.17 12.38
C ARG A 96 -19.92 -0.65 12.49
N GLN A 97 -19.40 -0.03 11.43
CA GLN A 97 -18.07 0.58 11.48
C GLN A 97 -18.03 1.74 12.46
N SER A 98 -16.97 1.83 13.23
CA SER A 98 -16.86 2.88 14.24
C SER A 98 -16.67 4.24 13.59
N THR A 99 -17.54 5.19 13.91
CA THR A 99 -17.42 6.56 13.41
C THR A 99 -16.29 7.27 14.12
N ALA A 100 -15.95 6.77 15.31
CA ALA A 100 -14.84 7.37 16.05
C ALA A 100 -13.52 6.99 15.37
N ALA A 101 -13.38 5.72 15.00
CA ALA A 101 -12.16 5.27 14.38
C ALA A 101 -12.01 5.90 12.99
N ALA A 102 -13.13 6.09 12.29
CA ALA A 102 -13.15 6.71 10.96
C ALA A 102 -12.64 8.14 11.08
N ALA A 103 -13.05 8.80 12.16
CA ALA A 103 -12.59 10.16 12.43
C ALA A 103 -11.07 10.20 12.73
N GLU A 104 -10.56 9.17 13.40
CA GLU A 104 -9.14 9.09 13.70
C GLU A 104 -8.32 8.83 12.42
N ILE A 105 -8.78 7.92 11.57
CA ILE A 105 -8.04 7.69 10.34
C ILE A 105 -7.98 9.00 9.57
N LYS A 106 -9.10 9.70 9.50
CA LYS A 106 -9.14 10.95 8.76
C LYS A 106 -8.21 12.02 9.38
N ARG A 107 -8.24 12.16 10.69
CA ARG A 107 -7.35 13.10 11.38
C ARG A 107 -5.88 12.82 11.01
N ASN A 108 -5.50 11.55 11.05
CA ASN A 108 -4.12 11.19 10.76
C ASN A 108 -3.78 11.27 9.29
N TYR A 109 -4.76 10.94 8.46
CA TYR A 109 -4.57 11.14 7.05
C TYR A 109 -4.26 12.63 6.76
N ASP A 110 -5.01 13.53 7.37
CA ASP A 110 -4.79 14.96 7.05
C ASP A 110 -3.44 15.42 7.56
N ILE A 111 -3.02 14.93 8.71
CA ILE A 111 -1.71 15.31 9.21
C ILE A 111 -0.62 14.86 8.23
N TYR A 112 -0.64 13.58 7.88
CA TYR A 112 0.38 13.04 7.00
C TYR A 112 0.31 13.61 5.57
N HIS A 113 -0.89 13.66 5.00
CA HIS A 113 -1.09 14.23 3.68
C HIS A 113 -0.60 15.66 3.66
N ASN A 114 -1.01 16.43 4.66
CA ASN A 114 -0.60 17.84 4.69
C ASN A 114 0.92 17.99 4.84
N ALA A 115 1.55 17.12 5.63
CA ALA A 115 3.02 17.16 5.79
C ALA A 115 3.71 16.97 4.46
N LEU A 116 3.28 15.98 3.69
CA LEU A 116 3.88 15.79 2.35
C LEU A 116 3.64 17.01 1.41
N ALA A 117 2.45 17.59 1.45
CA ALA A 117 2.20 18.76 0.61
C ALA A 117 3.13 19.88 1.06
N GLU A 118 3.36 19.98 2.36
CA GLU A 118 4.27 20.99 2.88
C GLU A 118 5.70 20.74 2.40
N LEU A 119 6.14 19.48 2.41
CA LEU A 119 7.48 19.17 1.91
C LEU A 119 7.62 19.61 0.47
N ILE A 120 6.58 19.43 -0.32
CA ILE A 120 6.65 19.80 -1.73
C ILE A 120 6.81 21.31 -1.88
N GLN A 121 6.10 22.06 -1.04
CA GLN A 121 6.16 23.53 -1.01
C GLN A 121 7.53 24.01 -0.53
N LEU A 122 8.00 23.46 0.59
CA LEU A 122 9.35 23.79 1.09
C LEU A 122 10.42 23.63 0.01
N LEU A 123 10.37 22.50 -0.71
CA LEU A 123 11.32 22.17 -1.76
C LEU A 123 11.29 23.19 -2.90
N GLY A 124 10.09 23.52 -3.38
CA GLY A 124 9.92 24.45 -4.48
C GLY A 124 10.19 25.88 -4.09
N ALA A 125 10.46 26.11 -2.81
CA ALA A 125 10.68 27.45 -2.30
C ALA A 125 12.14 27.61 -1.91
N GLY A 126 12.88 26.49 -1.84
CA GLY A 126 14.27 26.54 -1.45
C GLY A 126 14.53 26.41 0.04
N LYS A 127 13.49 26.15 0.83
CA LYS A 127 13.65 25.95 2.26
C LYS A 127 14.15 24.52 2.55
N ILE A 128 15.31 24.18 2.01
CA ILE A 128 15.88 22.83 2.09
C ILE A 128 16.05 22.31 3.50
N ASN A 129 16.64 23.15 4.33
CA ASN A 129 16.81 22.85 5.75
C ASN A 129 15.49 22.51 6.47
N GLU A 130 14.45 23.31 6.21
CA GLU A 130 13.12 23.10 6.77
C GLU A 130 12.68 21.74 6.23
N PHE A 131 12.93 21.53 4.95
CA PHE A 131 12.53 20.30 4.28
C PHE A 131 13.14 19.08 4.95
N PHE A 132 14.45 19.10 5.17
CA PHE A 132 15.11 17.95 5.76
C PHE A 132 14.70 17.68 7.19
N ASP A 133 14.22 18.71 7.86
CA ASP A 133 13.91 18.59 9.27
C ASP A 133 12.50 18.21 9.69
N GLN A 134 11.57 18.15 8.74
CA GLN A 134 10.22 17.82 9.13
C GLN A 134 10.21 16.43 9.75
N PRO A 135 9.52 16.26 10.89
CA PRO A 135 9.38 14.92 11.50
C PRO A 135 8.28 14.10 10.78
N THR A 136 8.54 13.76 9.53
CA THR A 136 7.59 13.03 8.70
C THR A 136 7.29 11.62 9.22
N GLN A 137 8.31 10.96 9.73
CA GLN A 137 8.13 9.59 10.18
C GLN A 137 7.02 9.47 11.19
N GLY A 138 6.98 10.38 12.17
CA GLY A 138 5.93 10.33 13.16
C GLY A 138 4.53 10.51 12.57
N TYR A 139 4.41 11.45 11.65
CA TYR A 139 3.14 11.68 10.95
C TYR A 139 2.67 10.44 10.20
N GLN A 140 3.60 9.75 9.55
CA GLN A 140 3.26 8.57 8.79
C GLN A 140 2.84 7.49 9.75
N ASP A 141 3.58 7.37 10.84
CA ASP A 141 3.33 6.31 11.80
C ASP A 141 1.92 6.40 12.38
N GLY A 142 1.44 7.63 12.54
CA GLY A 142 0.14 7.86 13.13
C GLY A 142 -0.99 7.42 12.21
N PHE A 143 -0.81 7.64 10.93
CA PHE A 143 -1.77 7.19 9.95
C PHE A 143 -1.76 5.67 9.86
N GLU A 144 -0.58 5.10 9.84
CA GLU A 144 -0.48 3.68 9.70
C GLU A 144 -1.15 2.94 10.88
N LYS A 145 -0.92 3.42 12.10
CA LYS A 145 -1.58 2.82 13.26
C LYS A 145 -3.09 2.74 13.05
N GLN A 146 -3.68 3.83 12.59
CA GLN A 146 -5.14 3.86 12.33
C GLN A 146 -5.56 2.96 11.18
N TYR A 147 -4.73 2.91 10.16
CA TYR A 147 -4.94 2.08 8.98
C TYR A 147 -5.08 0.61 9.38
N VAL A 148 -4.14 0.14 10.18
CA VAL A 148 -4.16 -1.21 10.79
C VAL A 148 -5.45 -1.46 11.59
N ALA A 149 -5.84 -0.51 12.42
CA ALA A 149 -7.04 -0.71 13.24
C ALA A 149 -8.27 -0.84 12.32
N TYR A 150 -8.31 -0.02 11.27
CA TYR A 150 -9.44 0.01 10.34
C TYR A 150 -9.54 -1.30 9.60
N MET A 151 -8.39 -1.82 9.18
CA MET A 151 -8.39 -3.07 8.48
C MET A 151 -8.81 -4.19 9.43
N GLU A 152 -8.46 -4.05 10.69
CA GLU A 152 -8.75 -5.12 11.63
C GLU A 152 -10.28 -5.08 11.78
N GLN A 153 -10.84 -3.89 11.84
CA GLN A 153 -12.29 -3.74 11.97
C GLN A 153 -12.99 -4.41 10.78
N ASN A 154 -12.51 -4.12 9.58
CA ASN A 154 -13.14 -4.61 8.39
C ASN A 154 -12.98 -6.12 8.17
N ASP A 155 -11.86 -6.68 8.61
CA ASP A 155 -11.63 -8.13 8.59
C ASP A 155 -12.69 -8.82 9.49
N ARG A 156 -12.98 -8.21 10.62
CA ARG A 156 -13.98 -8.82 11.50
C ARG A 156 -15.36 -8.88 10.82
N LEU A 157 -15.74 -7.77 10.18
CA LEU A 157 -17.00 -7.69 9.48
C LEU A 157 -16.99 -8.75 8.39
N HIS A 158 -15.84 -8.89 7.74
CA HIS A 158 -15.69 -9.86 6.71
C HIS A 158 -16.00 -11.23 7.27
N ASP A 159 -15.40 -11.56 8.40
CA ASP A 159 -15.60 -12.89 9.03
C ASP A 159 -17.06 -13.18 9.43
N ILE A 160 -17.75 -12.17 9.92
CA ILE A 160 -19.17 -12.35 10.30
C ILE A 160 -19.92 -12.78 9.06
N ALA A 161 -19.65 -12.09 7.95
CA ALA A 161 -20.31 -12.40 6.71
C ALA A 161 -19.96 -13.81 6.24
N VAL A 162 -18.71 -14.21 6.43
CA VAL A 162 -18.29 -15.51 5.95
C VAL A 162 -18.92 -16.62 6.77
N SER A 163 -18.85 -16.47 8.09
CA SER A 163 -19.47 -17.43 8.99
C SER A 163 -20.94 -17.65 8.62
N ASP A 164 -21.66 -16.56 8.37
CA ASP A 164 -23.07 -16.63 8.08
C ASP A 164 -23.27 -17.41 6.77
N ASN A 165 -22.50 -17.04 5.75
CA ASN A 165 -22.61 -17.71 4.46
C ASN A 165 -22.36 -19.20 4.55
N ASN A 166 -21.45 -19.59 5.43
CA ASN A 166 -21.14 -21.01 5.59
C ASN A 166 -22.26 -21.81 6.25
N ALA A 167 -23.03 -21.15 7.12
CA ALA A 167 -24.11 -21.81 7.84
C ALA A 167 -25.42 -21.83 7.05
N ASN B 11 -29.35 -20.85 -10.37
CA ASN B 11 -30.24 -20.61 -9.20
C ASN B 11 -29.90 -19.23 -8.64
N ALA B 12 -30.87 -18.55 -8.05
CA ALA B 12 -30.56 -17.25 -7.47
C ALA B 12 -29.60 -17.48 -6.30
N LEU B 13 -29.81 -18.57 -5.57
CA LEU B 13 -29.02 -18.85 -4.39
C LEU B 13 -27.59 -19.28 -4.70
N LYS B 14 -27.42 -20.41 -5.40
CA LYS B 14 -26.07 -20.88 -5.75
C LYS B 14 -25.29 -19.82 -6.50
N ASN B 15 -26.00 -18.94 -7.19
CA ASN B 15 -25.38 -17.85 -7.90
C ASN B 15 -24.75 -16.86 -6.92
N CYS B 16 -25.46 -16.61 -5.83
CA CYS B 16 -25.02 -15.63 -4.86
C CYS B 16 -23.95 -16.23 -3.96
N LYS B 17 -24.11 -17.51 -3.66
CA LYS B 17 -23.14 -18.19 -2.82
C LYS B 17 -21.78 -18.24 -3.53
N GLU B 18 -21.79 -18.19 -4.86
CA GLU B 18 -20.53 -18.22 -5.61
C GLU B 18 -19.99 -16.81 -5.81
N ASN B 19 -20.89 -15.85 -5.98
CA ASN B 19 -20.48 -14.46 -6.12
C ASN B 19 -19.79 -13.97 -4.85
N PHE B 20 -20.28 -14.44 -3.71
CA PHE B 20 -19.73 -14.09 -2.42
C PHE B 20 -18.34 -14.72 -2.30
N THR B 21 -18.18 -15.93 -2.83
CA THR B 21 -16.90 -16.61 -2.78
C THR B 21 -15.82 -15.83 -3.56
N VAL B 22 -16.25 -15.23 -4.67
CA VAL B 22 -15.31 -14.47 -5.45
C VAL B 22 -14.81 -13.27 -4.68
N LEU B 23 -15.72 -12.50 -4.10
CA LEU B 23 -15.28 -11.32 -3.35
C LEU B 23 -14.35 -11.71 -2.22
N GLN B 24 -14.68 -12.79 -1.53
CA GLN B 24 -13.92 -13.28 -0.41
C GLN B 24 -12.48 -13.63 -0.80
N THR B 25 -12.35 -14.37 -1.89
CA THR B 25 -11.02 -14.78 -2.31
C THR B 25 -10.25 -13.57 -2.82
N ILE B 26 -10.92 -12.69 -3.54
CA ILE B 26 -10.25 -11.52 -4.05
C ILE B 26 -9.82 -10.57 -2.94
N ARG B 27 -10.72 -10.34 -1.99
CA ARG B 27 -10.39 -9.45 -0.88
C ARG B 27 -9.14 -9.91 -0.15
N GLN B 28 -9.07 -11.20 0.13
CA GLN B 28 -7.95 -11.70 0.91
C GLN B 28 -6.65 -11.66 0.12
N GLN B 29 -6.72 -11.89 -1.18
CA GLN B 29 -5.51 -11.81 -1.97
C GLN B 29 -5.05 -10.37 -1.97
N GLN B 30 -5.98 -9.45 -2.20
CA GLN B 30 -5.65 -8.04 -2.16
C GLN B 30 -4.99 -7.56 -0.85
N SER B 31 -5.57 -7.90 0.30
CA SER B 31 -5.00 -7.46 1.58
C SER B 31 -3.54 -7.90 1.76
N THR B 32 -3.28 -9.15 1.42
CA THR B 32 -1.94 -9.64 1.62
C THR B 32 -0.95 -9.10 0.58
N LEU B 33 -1.34 -9.10 -0.68
CA LEU B 33 -0.49 -8.57 -1.72
C LEU B 33 -0.22 -7.05 -1.48
N ASN B 34 -1.26 -6.28 -1.15
CA ASN B 34 -1.05 -4.87 -0.83
C ASN B 34 -0.18 -4.72 0.42
N GLY B 35 -0.33 -5.61 1.41
CA GLY B 35 0.54 -5.56 2.55
C GLY B 35 2.01 -5.76 2.18
N SER B 36 2.26 -6.70 1.27
CA SER B 36 3.63 -6.97 0.82
C SER B 36 4.18 -5.73 0.10
N TRP B 37 3.38 -5.18 -0.81
CA TRP B 37 3.73 -3.94 -1.55
C TRP B 37 4.03 -2.75 -0.64
N VAL B 38 3.20 -2.55 0.39
CA VAL B 38 3.44 -1.47 1.34
C VAL B 38 4.75 -1.70 2.07
N ALA B 39 5.01 -2.95 2.49
CA ALA B 39 6.22 -3.19 3.21
C ALA B 39 7.46 -2.99 2.32
N LEU B 40 7.37 -3.36 1.05
CA LEU B 40 8.48 -3.11 0.13
C LEU B 40 8.70 -1.61 -0.01
N LEU B 41 7.64 -0.85 -0.26
CA LEU B 41 7.76 0.63 -0.35
C LEU B 41 8.40 1.27 0.87
N GLN B 42 8.04 0.75 2.04
CA GLN B 42 8.60 1.27 3.26
C GLN B 42 10.07 0.92 3.33
N THR B 43 10.44 -0.27 2.88
CA THR B 43 11.83 -0.69 2.90
C THR B 43 12.64 0.24 2.00
N ARG B 44 12.11 0.49 0.81
CA ARG B 44 12.82 1.37 -0.12
C ARG B 44 13.01 2.78 0.49
N ASN B 45 11.93 3.31 1.06
CA ASN B 45 11.98 4.62 1.66
C ASN B 45 12.97 4.67 2.82
N THR B 46 12.94 3.67 3.69
CA THR B 46 13.89 3.61 4.79
C THR B 46 15.37 3.59 4.32
N LEU B 47 15.63 2.93 3.21
CA LEU B 47 16.96 2.82 2.65
C LEU B 47 17.39 4.19 2.10
N ASN B 48 16.47 4.90 1.47
CA ASN B 48 16.73 6.28 1.03
C ASN B 48 16.96 7.16 2.26
N ARG B 49 16.26 6.93 3.38
CA ARG B 49 16.56 7.68 4.59
C ARG B 49 17.99 7.42 5.10
N ALA B 50 18.43 6.18 4.97
CA ALA B 50 19.76 5.84 5.37
C ALA B 50 20.77 6.56 4.46
N GLY B 51 20.42 6.74 3.18
CA GLY B 51 21.27 7.41 2.21
C GLY B 51 21.45 8.88 2.60
N ILE B 52 20.33 9.55 2.83
CA ILE B 52 20.33 10.91 3.32
C ILE B 52 21.18 10.98 4.60
N ARG B 53 20.92 10.10 5.56
CA ARG B 53 21.64 10.14 6.82
C ARG B 53 23.14 10.03 6.59
N TYR B 54 23.55 9.11 5.72
CA TYR B 54 24.96 8.94 5.46
C TYR B 54 25.60 10.21 4.91
N MET B 55 24.91 10.84 3.96
CA MET B 55 25.37 12.08 3.32
C MET B 55 25.44 13.24 4.32
N MET B 56 24.50 13.28 5.26
CA MET B 56 24.50 14.26 6.33
C MET B 56 25.68 14.02 7.27
N ASP B 57 26.02 12.75 7.48
CA ASP B 57 27.16 12.38 8.31
C ASP B 57 28.45 12.87 7.68
N GLN B 58 28.50 12.85 6.36
CA GLN B 58 29.68 13.34 5.62
C GLN B 58 29.91 14.84 5.81
N ASN B 59 28.84 15.61 5.96
CA ASN B 59 28.94 17.03 6.20
C ASN B 59 28.87 17.35 7.68
N ASN B 60 29.17 16.33 8.47
CA ASN B 60 29.28 16.42 9.93
C ASN B 60 28.07 16.88 10.71
N ILE B 61 26.92 16.94 10.04
CA ILE B 61 25.68 17.26 10.70
C ILE B 61 24.96 15.91 10.73
N GLY B 62 23.66 15.83 10.61
CA GLY B 62 23.16 14.47 10.60
C GLY B 62 22.57 14.09 11.93
N SER B 63 21.28 13.81 11.88
CA SER B 63 20.45 13.69 13.07
C SER B 63 19.72 12.37 13.21
N GLY B 64 18.61 12.40 13.93
CA GLY B 64 17.77 11.24 14.19
C GLY B 64 18.41 9.88 14.14
N SER B 65 17.73 8.95 13.45
CA SER B 65 18.21 7.58 13.35
C SER B 65 19.53 7.51 12.61
N THR B 66 20.39 6.59 13.04
CA THR B 66 21.68 6.43 12.39
C THR B 66 21.51 5.57 11.16
N VAL B 67 22.55 5.51 10.34
CA VAL B 67 22.53 4.72 9.12
C VAL B 67 22.33 3.26 9.52
N ALA B 68 23.03 2.84 10.57
CA ALA B 68 22.88 1.49 11.09
C ALA B 68 21.47 1.18 11.56
N GLU B 69 20.85 2.11 12.28
CA GLU B 69 19.49 1.91 12.77
C GLU B 69 18.47 1.81 11.62
N LEU B 70 18.61 2.69 10.63
CA LEU B 70 17.74 2.62 9.47
C LEU B 70 17.98 1.32 8.70
N MET B 71 19.23 0.86 8.63
CA MET B 71 19.54 -0.33 7.88
C MET B 71 18.82 -1.51 8.50
N GLU B 72 18.81 -1.53 9.83
CA GLU B 72 18.14 -2.60 10.56
C GLU B 72 16.65 -2.49 10.35
N SER B 73 16.15 -1.27 10.36
CA SER B 73 14.74 -1.05 10.15
C SER B 73 14.32 -1.57 8.76
N ALA B 74 15.12 -1.28 7.75
CA ALA B 74 14.83 -1.73 6.41
C ALA B 74 14.82 -3.24 6.35
N SER B 75 15.77 -3.89 7.04
CA SER B 75 15.79 -5.35 7.09
C SER B 75 14.49 -5.95 7.64
N ILE B 76 14.04 -5.40 8.77
CA ILE B 76 12.79 -5.82 9.37
C ILE B 76 11.61 -5.62 8.43
N SER B 77 11.54 -4.46 7.77
CA SER B 77 10.40 -4.21 6.90
C SER B 77 10.48 -5.13 5.66
N LEU B 78 11.67 -5.47 5.20
CA LEU B 78 11.79 -6.38 4.05
C LEU B 78 11.31 -7.78 4.49
N LYS B 79 11.60 -8.16 5.71
CA LYS B 79 11.10 -9.46 6.21
C LYS B 79 9.61 -9.37 6.31
N GLN B 80 9.09 -8.21 6.67
CA GLN B 80 7.62 -8.07 6.67
C GLN B 80 7.01 -8.25 5.26
N ALA B 81 7.68 -7.72 4.23
CA ALA B 81 7.20 -7.95 2.87
C ALA B 81 7.16 -9.44 2.55
N GLU B 82 8.21 -10.15 2.94
CA GLU B 82 8.33 -11.59 2.69
C GLU B 82 7.20 -12.32 3.41
N LYS B 83 6.94 -11.92 4.64
CA LYS B 83 5.83 -12.50 5.40
C LYS B 83 4.50 -12.31 4.71
N ASN B 84 4.19 -11.06 4.32
CA ASN B 84 2.93 -10.81 3.63
C ASN B 84 2.92 -11.53 2.28
N TRP B 85 4.07 -11.57 1.58
CA TRP B 85 4.10 -12.31 0.32
C TRP B 85 3.72 -13.82 0.53
N ALA B 86 4.25 -14.41 1.59
CA ALA B 86 3.97 -15.83 1.84
C ALA B 86 2.48 -16.01 2.16
N ASP B 87 1.88 -15.00 2.79
CA ASP B 87 0.46 -15.07 3.07
C ASP B 87 -0.29 -15.14 1.75
N TYR B 88 0.04 -14.20 0.87
CA TYR B 88 -0.58 -14.10 -0.44
C TYR B 88 -0.36 -15.35 -1.26
N GLU B 89 0.87 -15.87 -1.28
CA GLU B 89 1.24 -17.05 -2.10
C GLU B 89 0.51 -18.34 -1.69
N ALA B 90 0.07 -18.43 -0.44
CA ALA B 90 -0.61 -19.63 0.04
C ALA B 90 -2.10 -19.61 -0.22
N LEU B 91 -2.62 -18.44 -0.61
CA LEU B 91 -4.04 -18.31 -0.85
C LEU B 91 -4.51 -18.96 -2.14
N PRO B 92 -5.72 -19.48 -2.09
CA PRO B 92 -6.41 -20.05 -3.25
C PRO B 92 -6.71 -18.99 -4.32
N ARG B 93 -6.57 -19.37 -5.59
CA ARG B 93 -6.87 -18.46 -6.69
C ARG B 93 -8.22 -18.80 -7.34
N ASP B 94 -8.97 -17.79 -7.76
CA ASP B 94 -10.20 -18.01 -8.49
C ASP B 94 -9.81 -18.60 -9.86
N PRO B 95 -10.65 -19.48 -10.41
CA PRO B 95 -10.41 -20.08 -11.73
C PRO B 95 -10.24 -19.05 -12.85
N ARG B 96 -10.97 -17.95 -12.77
CA ARG B 96 -10.94 -16.97 -13.84
C ARG B 96 -9.76 -16.01 -13.78
N GLN B 97 -8.98 -16.09 -12.73
CA GLN B 97 -7.83 -15.20 -12.64
C GLN B 97 -6.74 -15.70 -13.57
N SER B 98 -6.03 -14.76 -14.17
CA SER B 98 -4.98 -15.09 -15.11
C SER B 98 -3.80 -15.78 -14.44
N THR B 99 -3.48 -16.98 -14.88
CA THR B 99 -2.27 -17.63 -14.35
C THR B 99 -0.98 -16.95 -14.86
N ALA B 100 -0.98 -16.49 -16.11
CA ALA B 100 0.18 -15.77 -16.62
C ALA B 100 0.47 -14.49 -15.80
N ALA B 101 -0.59 -13.77 -15.44
CA ALA B 101 -0.44 -12.55 -14.66
C ALA B 101 0.09 -12.88 -13.25
N ALA B 102 -0.41 -13.97 -12.68
CA ALA B 102 0.02 -14.41 -11.35
C ALA B 102 1.50 -14.77 -11.37
N ALA B 103 2.00 -15.25 -12.51
CA ALA B 103 3.42 -15.57 -12.61
C ALA B 103 4.30 -14.33 -12.82
N GLU B 104 3.77 -13.39 -13.56
CA GLU B 104 4.45 -12.11 -13.81
C GLU B 104 4.48 -11.24 -12.54
N ILE B 105 3.45 -11.31 -11.69
CA ILE B 105 3.56 -10.53 -10.47
C ILE B 105 4.64 -11.13 -9.59
N LYS B 106 4.69 -12.45 -9.54
CA LYS B 106 5.75 -13.13 -8.82
C LYS B 106 7.13 -12.80 -9.40
N ARG B 107 7.25 -12.83 -10.72
CA ARG B 107 8.54 -12.51 -11.34
C ARG B 107 8.97 -11.11 -10.96
N ASN B 108 8.04 -10.17 -10.99
CA ASN B 108 8.38 -8.78 -10.66
C ASN B 108 8.60 -8.54 -9.15
N TYR B 109 7.82 -9.20 -8.30
CA TYR B 109 8.10 -9.14 -6.86
C TYR B 109 9.51 -9.61 -6.58
N ASP B 110 9.92 -10.73 -7.17
CA ASP B 110 11.25 -11.24 -6.93
C ASP B 110 12.32 -10.22 -7.31
N ILE B 111 12.17 -9.59 -8.48
CA ILE B 111 13.16 -8.57 -8.92
C ILE B 111 13.29 -7.41 -7.94
N TYR B 112 12.14 -6.86 -7.60
CA TYR B 112 12.05 -5.73 -6.68
C TYR B 112 12.51 -6.15 -5.28
N HIS B 113 12.03 -7.29 -4.76
CA HIS B 113 12.48 -7.75 -3.45
C HIS B 113 14.01 -7.96 -3.41
N ASN B 114 14.51 -8.65 -4.42
CA ASN B 114 15.94 -8.93 -4.51
C ASN B 114 16.76 -7.65 -4.59
N ALA B 115 16.24 -6.65 -5.30
CA ALA B 115 16.92 -5.38 -5.39
C ALA B 115 17.07 -4.74 -4.00
N LEU B 116 15.99 -4.80 -3.22
CA LEU B 116 16.04 -4.23 -1.87
C LEU B 116 16.99 -5.02 -0.95
N ALA B 117 16.94 -6.35 -1.04
CA ALA B 117 17.87 -7.21 -0.34
C ALA B 117 19.31 -6.84 -0.68
N GLU B 118 19.57 -6.58 -1.95
CA GLU B 118 20.91 -6.17 -2.39
C GLU B 118 21.36 -4.81 -1.79
N LEU B 119 20.46 -3.82 -1.79
CA LEU B 119 20.78 -2.51 -1.21
C LEU B 119 21.18 -2.62 0.25
N ILE B 120 20.46 -3.45 1.01
CA ILE B 120 20.81 -3.66 2.41
C ILE B 120 22.22 -4.29 2.50
N GLN B 121 22.51 -5.23 1.62
CA GLN B 121 23.81 -5.89 1.60
C GLN B 121 24.88 -4.86 1.29
N LEU B 122 24.64 -4.07 0.24
CA LEU B 122 25.58 -3.06 -0.21
C LEU B 122 25.91 -2.09 0.90
N LEU B 123 24.87 -1.70 1.64
CA LEU B 123 25.02 -0.77 2.74
C LEU B 123 25.91 -1.33 3.87
N GLY B 124 25.55 -2.49 4.42
CA GLY B 124 26.31 -3.11 5.50
C GLY B 124 27.69 -3.62 5.09
N ALA B 125 28.17 -3.17 3.94
CA ALA B 125 29.49 -3.55 3.45
C ALA B 125 30.24 -2.30 3.02
N GLY B 126 29.63 -1.15 3.32
CA GLY B 126 30.20 0.14 3.00
C GLY B 126 30.27 0.44 1.52
N LYS B 127 29.67 -0.42 0.70
CA LYS B 127 29.72 -0.22 -0.75
C LYS B 127 28.74 0.87 -1.18
N ILE B 128 29.02 2.06 -0.67
CA ILE B 128 28.17 3.22 -0.88
C ILE B 128 27.91 3.61 -2.33
N ASN B 129 28.92 3.53 -3.18
CA ASN B 129 28.74 3.91 -4.56
C ASN B 129 27.70 3.02 -5.25
N GLU B 130 27.87 1.73 -5.06
CA GLU B 130 26.96 0.76 -5.64
C GLU B 130 25.56 0.98 -5.07
N PHE B 131 25.48 1.31 -3.79
CA PHE B 131 24.21 1.58 -3.13
C PHE B 131 23.43 2.70 -3.82
N PHE B 132 24.09 3.84 -4.00
CA PHE B 132 23.45 4.98 -4.62
C PHE B 132 23.24 4.78 -6.13
N ASP B 133 24.02 3.88 -6.71
CA ASP B 133 23.96 3.62 -8.14
C ASP B 133 22.70 2.84 -8.55
N GLN B 134 22.39 1.77 -7.83
CA GLN B 134 21.27 0.90 -8.19
C GLN B 134 20.03 1.60 -8.75
N PRO B 135 19.59 1.19 -9.93
CA PRO B 135 18.36 1.70 -10.56
C PRO B 135 17.10 1.10 -9.95
N THR B 136 16.93 1.32 -8.66
CA THR B 136 15.81 0.76 -7.92
C THR B 136 14.45 1.09 -8.53
N GLN B 137 14.30 2.34 -8.99
CA GLN B 137 13.05 2.79 -9.54
C GLN B 137 12.51 1.91 -10.64
N GLY B 138 13.39 1.46 -11.54
CA GLY B 138 12.93 0.60 -12.61
C GLY B 138 12.39 -0.72 -12.03
N TYR B 139 13.04 -1.23 -11.00
CA TYR B 139 12.61 -2.51 -10.40
C TYR B 139 11.25 -2.38 -9.77
N GLN B 140 11.02 -1.28 -9.05
CA GLN B 140 9.73 -1.01 -8.45
C GLN B 140 8.65 -0.86 -9.51
N ASP B 141 8.98 -0.12 -10.57
CA ASP B 141 8.01 0.10 -11.61
C ASP B 141 7.53 -1.19 -12.26
N GLY B 142 8.41 -2.16 -12.41
CA GLY B 142 8.06 -3.44 -12.99
C GLY B 142 6.99 -4.13 -12.14
N PHE B 143 7.15 -4.04 -10.83
CA PHE B 143 6.20 -4.69 -9.94
C PHE B 143 4.91 -3.91 -9.99
N GLU B 144 5.02 -2.60 -9.90
CA GLU B 144 3.86 -1.77 -9.83
C GLU B 144 2.92 -1.99 -11.01
N LYS B 145 3.50 -2.03 -12.21
CA LYS B 145 2.71 -2.25 -13.41
C LYS B 145 1.90 -3.54 -13.34
N GLN B 146 2.51 -4.62 -12.86
CA GLN B 146 1.78 -5.88 -12.74
C GLN B 146 0.73 -5.75 -11.65
N TYR B 147 1.10 -5.11 -10.58
CA TYR B 147 0.15 -4.91 -9.49
C TYR B 147 -1.10 -4.14 -9.99
N VAL B 148 -0.91 -3.12 -10.81
CA VAL B 148 -2.06 -2.40 -11.33
C VAL B 148 -2.98 -3.25 -12.21
N ALA B 149 -2.38 -4.06 -13.07
CA ALA B 149 -3.17 -4.93 -13.93
C ALA B 149 -3.94 -5.95 -13.11
N TYR B 150 -3.26 -6.53 -12.12
CA TYR B 150 -3.89 -7.49 -11.22
C TYR B 150 -5.10 -6.89 -10.53
N MET B 151 -4.92 -5.67 -10.05
CA MET B 151 -6.01 -4.91 -9.39
C MET B 151 -7.12 -4.66 -10.40
N GLU B 152 -6.76 -4.28 -11.62
CA GLU B 152 -7.79 -3.99 -12.60
C GLU B 152 -8.58 -5.25 -12.88
N GLN B 153 -7.88 -6.39 -12.95
CA GLN B 153 -8.54 -7.67 -13.18
C GLN B 153 -9.51 -7.97 -12.03
N ASN B 154 -9.04 -7.78 -10.82
CA ASN B 154 -9.89 -8.03 -9.68
C ASN B 154 -11.11 -7.10 -9.70
N ASP B 155 -10.94 -5.87 -10.14
CA ASP B 155 -12.08 -4.95 -10.24
C ASP B 155 -13.14 -5.54 -11.18
N ARG B 156 -12.69 -6.09 -12.30
CA ARG B 156 -13.63 -6.67 -13.27
C ARG B 156 -14.38 -7.83 -12.67
N LEU B 157 -13.68 -8.68 -11.92
CA LEU B 157 -14.31 -9.82 -11.25
C LEU B 157 -15.26 -9.35 -10.15
N HIS B 158 -15.02 -8.15 -9.65
CA HIS B 158 -15.85 -7.57 -8.60
C HIS B 158 -17.13 -7.09 -9.25
N ASP B 159 -16.98 -6.30 -10.31
CA ASP B 159 -18.11 -5.76 -11.05
C ASP B 159 -19.05 -6.83 -11.64
N ILE B 160 -18.56 -8.05 -11.85
CA ILE B 160 -19.43 -9.08 -12.41
C ILE B 160 -20.22 -9.72 -11.28
N ALA B 161 -19.61 -9.74 -10.10
CA ALA B 161 -20.28 -10.37 -8.99
C ALA B 161 -21.40 -9.48 -8.51
N VAL B 162 -21.17 -8.18 -8.52
CA VAL B 162 -22.21 -7.27 -8.05
C VAL B 162 -23.43 -7.42 -8.96
N SER B 163 -23.16 -7.68 -10.24
CA SER B 163 -24.22 -7.86 -11.22
C SER B 163 -25.01 -9.15 -10.99
N ASP B 164 -24.34 -10.29 -11.12
CA ASP B 164 -24.97 -11.59 -10.94
C ASP B 164 -25.82 -11.64 -9.68
N ASN B 165 -25.55 -10.71 -8.77
CA ASN B 165 -26.28 -10.64 -7.52
C ASN B 165 -27.67 -10.05 -7.70
#